data_3FZT
#
_entry.id   3FZT
#
_cell.length_a   37.713
_cell.length_b   82.915
_cell.length_c   86.442
_cell.angle_alpha   90.00
_cell.angle_beta   90.00
_cell.angle_gamma   90.00
#
_symmetry.space_group_name_H-M   'P 21 21 21'
#
loop_
_entity.id
_entity.type
_entity.pdbx_description
1 polymer 'Protein tyrosine kinase 2 beta'
2 non-polymer 1-[5-tert-butyl-2-(4-methylphenyl)-1,2-dihydro-3H-pyrazol-3-ylidene]-3-{3-[(pyridin-3-yloxy)methyl]-1H-pyrazol-5-yl}urea
3 water water
#
_entity_poly.entity_id   1
_entity_poly.type   'polypeptide(L)'
_entity_poly.pdbx_seq_one_letter_code
;PQYGIAREDVVLNRILGEGFFGEVYEGVYTNHKGEKINVAVKTCKKDCTLDNKEKFMSEAVIMKNLDHPHIVKLIGIIEE
EPTWIIMELYPYGELGHYLERNKNSLKVLTLVLYSLQICKAMAYLESINCVHRDIAVRNILVASPECVKLGDFGLSRYIE
DEDYYKASVTRLPIKWMSPESINFRRFTTASDVWMFAVCMWEILSFGKQPFFWLENKDVIGVLEKGDRLPKPDLCPPVLY
TLMTRCWDYDPSDRPRFTELVCSLSDVYQMEKDIAME
;
_entity_poly.pdbx_strand_id   A
#
# COMPACT_ATOMS: atom_id res chain seq x y z
N ILE A 5 -6.47 6.32 -25.74
CA ILE A 5 -7.09 4.96 -25.46
C ILE A 5 -8.52 4.86 -26.00
N ALA A 6 -8.71 4.01 -27.00
CA ALA A 6 -10.04 3.76 -27.58
C ALA A 6 -10.72 2.60 -26.87
N ARG A 7 -12.03 2.69 -26.67
CA ARG A 7 -12.75 1.60 -26.02
C ARG A 7 -12.60 0.22 -26.70
N GLU A 8 -12.55 0.20 -28.04
CA GLU A 8 -12.42 -1.06 -28.77
C GLU A 8 -11.14 -1.82 -28.45
N ASP A 9 -10.17 -1.11 -27.87
CA ASP A 9 -8.89 -1.71 -27.46
C ASP A 9 -8.87 -2.24 -26.03
N VAL A 10 -9.96 -2.03 -25.29
CA VAL A 10 -10.12 -2.58 -23.94
C VAL A 10 -11.17 -3.70 -23.93
N VAL A 11 -10.76 -4.90 -23.51
CA VAL A 11 -11.65 -6.05 -23.37
C VAL A 11 -11.79 -6.44 -21.90
N LEU A 12 -13.00 -6.41 -21.37
CA LEU A 12 -13.25 -6.73 -19.96
C LEU A 12 -13.52 -8.22 -19.81
N ASN A 13 -13.02 -8.81 -18.72
CA ASN A 13 -12.99 -10.27 -18.58
C ASN A 13 -13.74 -10.90 -17.40
N ARG A 14 -13.61 -10.27 -16.23
CA ARG A 14 -14.18 -10.75 -14.97
C ARG A 14 -14.08 -9.66 -13.91
N ILE A 15 -15.04 -9.66 -12.98
CA ILE A 15 -15.07 -8.70 -11.88
C ILE A 15 -13.86 -8.93 -10.98
N LEU A 16 -13.09 -7.88 -10.75
CA LEU A 16 -11.95 -7.93 -9.84
C LEU A 16 -12.44 -7.71 -8.40
N GLY A 17 -13.30 -6.71 -8.22
CA GLY A 17 -13.89 -6.41 -6.93
C GLY A 17 -14.89 -5.29 -7.06
N GLU A 18 -15.46 -4.87 -5.93
CA GLU A 18 -16.29 -3.65 -5.90
C GLU A 18 -15.48 -2.54 -5.29
N GLY A 19 -15.37 -1.43 -6.02
CA GLY A 19 -14.77 -0.21 -5.50
C GLY A 19 -15.87 0.69 -4.98
N PHE A 20 -15.49 1.83 -4.41
CA PHE A 20 -16.44 2.78 -3.86
C PHE A 20 -17.51 3.24 -4.87
N PHE A 21 -17.10 3.49 -6.11
CA PHE A 21 -17.98 4.11 -7.11
C PHE A 21 -18.70 3.11 -8.03
N GLY A 22 -18.23 1.87 -8.04
CA GLY A 22 -18.74 0.83 -8.93
C GLY A 22 -17.79 -0.35 -9.00
N GLU A 23 -18.18 -1.38 -9.75
CA GLU A 23 -17.36 -2.57 -9.89
C GLU A 23 -16.05 -2.26 -10.59
N VAL A 24 -15.06 -3.10 -10.34
CA VAL A 24 -13.74 -3.00 -10.93
C VAL A 24 -13.54 -4.32 -11.68
N TYR A 25 -13.16 -4.22 -12.94
CA TYR A 25 -13.05 -5.40 -13.81
C TYR A 25 -11.60 -5.68 -14.18
N GLU A 26 -11.22 -6.97 -14.20
CA GLU A 26 -9.99 -7.38 -14.87
C GLU A 26 -10.22 -7.28 -16.36
N GLY A 27 -9.20 -6.85 -17.09
CA GLY A 27 -9.34 -6.62 -18.53
C GLY A 27 -8.01 -6.71 -19.23
N VAL A 28 -8.04 -6.59 -20.56
CA VAL A 28 -6.83 -6.56 -21.36
C VAL A 28 -6.85 -5.35 -22.29
N TYR A 29 -5.80 -4.55 -22.23
CA TYR A 29 -5.65 -3.38 -23.08
C TYR A 29 -4.58 -3.65 -24.12
N THR A 30 -4.94 -3.46 -25.39
CA THR A 30 -4.00 -3.60 -26.48
C THR A 30 -3.55 -2.20 -26.87
N ASN A 31 -2.28 -1.89 -26.65
CA ASN A 31 -1.80 -0.52 -26.85
C ASN A 31 -1.46 -0.21 -28.30
N HIS A 32 -0.92 0.98 -28.56
CA HIS A 32 -0.60 1.41 -29.94
C HIS A 32 0.47 0.53 -30.61
N LYS A 33 1.27 -0.14 -29.79
CA LYS A 33 2.32 -1.04 -30.26
C LYS A 33 1.74 -2.42 -30.61
N GLY A 34 0.57 -2.73 -30.05
CA GLY A 34 -0.11 -4.00 -30.33
C GLY A 34 0.07 -5.03 -29.22
N GLU A 35 0.81 -4.66 -28.18
CA GLU A 35 0.99 -5.58 -27.05
C GLU A 35 -0.20 -5.57 -26.11
N LYS A 36 -0.49 -6.72 -25.53
CA LYS A 36 -1.62 -6.87 -24.62
C LYS A 36 -1.14 -6.58 -23.19
N ILE A 37 -1.89 -5.74 -22.49
CA ILE A 37 -1.54 -5.32 -21.14
C ILE A 37 -2.71 -5.61 -20.22
N ASN A 38 -2.44 -6.37 -19.15
CA ASN A 38 -3.41 -6.63 -18.11
C ASN A 38 -3.75 -5.35 -17.36
N VAL A 39 -5.05 -5.06 -17.27
CA VAL A 39 -5.52 -3.82 -16.66
C VAL A 39 -6.63 -4.10 -15.64
N ALA A 40 -6.79 -3.17 -14.70
CA ALA A 40 -7.93 -3.18 -13.76
C ALA A 40 -8.77 -2.00 -14.19
N VAL A 41 -10.01 -2.26 -14.60
CA VAL A 41 -10.88 -1.21 -15.12
C VAL A 41 -11.92 -0.83 -14.10
N LYS A 42 -11.84 0.41 -13.64
CA LYS A 42 -12.72 0.92 -12.60
C LYS A 42 -13.89 1.70 -13.19
N THR A 43 -15.08 1.44 -12.69
CA THR A 43 -16.28 2.02 -13.27
C THR A 43 -17.01 2.85 -12.22
N CYS A 44 -18.00 3.62 -12.66
CA CYS A 44 -18.75 4.52 -11.77
C CYS A 44 -20.23 4.38 -12.10
N LYS A 45 -21.09 4.17 -11.09
CA LYS A 45 -22.54 4.09 -11.34
C LYS A 45 -23.04 5.31 -12.12
N LYS A 46 -23.89 5.07 -13.12
CA LYS A 46 -24.34 6.17 -14.01
C LYS A 46 -25.14 7.23 -13.27
N ASP A 47 -25.89 6.80 -12.27
CA ASP A 47 -26.78 7.68 -11.49
C ASP A 47 -26.10 8.53 -10.38
N CYS A 48 -24.78 8.58 -10.36
CA CYS A 48 -24.10 9.30 -9.29
C CYS A 48 -24.21 10.83 -9.47
N THR A 49 -23.99 11.56 -8.39
CA THR A 49 -24.01 13.02 -8.43
C THR A 49 -22.79 13.54 -9.19
N LEU A 50 -22.87 14.79 -9.66
CA LEU A 50 -21.74 15.41 -10.35
C LEU A 50 -20.51 15.44 -9.47
N ASP A 51 -20.72 15.65 -8.17
CA ASP A 51 -19.63 15.66 -7.18
C ASP A 51 -18.91 14.31 -7.14
N ASN A 52 -19.69 13.23 -7.10
CA ASN A 52 -19.14 11.89 -7.07
C ASN A 52 -18.46 11.49 -8.37
N LYS A 53 -19.03 11.90 -9.50
CA LYS A 53 -18.37 11.74 -10.80
C LYS A 53 -17.02 12.48 -10.81
N GLU A 54 -17.01 13.70 -10.27
CA GLU A 54 -15.77 14.48 -10.18
C GLU A 54 -14.73 13.76 -9.32
N LYS A 55 -15.14 13.35 -8.12
CA LYS A 55 -14.27 12.53 -7.22
C LYS A 55 -13.75 11.27 -7.89
N PHE A 56 -14.62 10.55 -8.58
CA PHE A 56 -14.21 9.32 -9.28
C PHE A 56 -13.11 9.64 -10.28
N MET A 57 -13.35 10.65 -11.12
CA MET A 57 -12.44 11.02 -12.20
C MET A 57 -11.15 11.63 -11.68
N SER A 58 -11.21 12.27 -10.51
CA SER A 58 -10.05 12.94 -9.92
C SER A 58 -8.88 11.98 -9.68
N GLU A 59 -9.18 10.69 -9.49
CA GLU A 59 -8.12 9.69 -9.38
C GLU A 59 -7.24 9.65 -10.61
N ALA A 60 -7.84 9.73 -11.79
CA ALA A 60 -7.09 9.64 -13.02
C ALA A 60 -6.32 10.93 -13.29
N VAL A 61 -6.95 12.06 -12.96
CA VAL A 61 -6.30 13.36 -13.07
C VAL A 61 -5.04 13.43 -12.14
N ILE A 62 -5.15 12.89 -10.92
CA ILE A 62 -4.01 12.86 -10.00
C ILE A 62 -2.95 11.84 -10.43
N MET A 63 -3.38 10.59 -10.64
CA MET A 63 -2.46 9.47 -10.87
C MET A 63 -1.64 9.56 -12.16
N LYS A 64 -2.14 10.33 -13.13
CA LYS A 64 -1.42 10.61 -14.38
C LYS A 64 -0.03 11.18 -14.07
N ASN A 65 0.07 11.86 -12.94
CA ASN A 65 1.29 12.50 -12.44
C ASN A 65 2.28 11.61 -11.68
N LEU A 66 1.83 10.44 -11.26
CA LEU A 66 2.66 9.55 -10.45
C LEU A 66 3.40 8.57 -11.36
N ASP A 67 4.73 8.59 -11.26
CA ASP A 67 5.57 7.72 -12.10
C ASP A 67 6.71 7.08 -11.28
N HIS A 68 6.43 6.81 -10.03
CA HIS A 68 7.40 6.22 -9.12
C HIS A 68 7.51 4.70 -9.33
N PRO A 69 8.74 4.13 -9.30
CA PRO A 69 8.87 2.71 -9.54
C PRO A 69 8.17 1.84 -8.48
N HIS A 70 7.80 2.42 -7.33
CA HIS A 70 7.12 1.62 -6.30
C HIS A 70 5.77 2.17 -5.92
N ILE A 71 5.16 2.85 -6.91
CA ILE A 71 3.76 3.27 -6.83
C ILE A 71 3.05 2.64 -8.03
N VAL A 72 1.79 2.25 -7.83
CA VAL A 72 0.96 1.70 -8.92
C VAL A 72 0.84 2.64 -10.11
N LYS A 73 0.55 2.09 -11.29
CA LYS A 73 0.54 2.92 -12.48
C LYS A 73 -0.82 3.02 -13.11
N LEU A 74 -1.26 4.25 -13.37
CA LEU A 74 -2.43 4.54 -14.17
C LEU A 74 -2.08 4.35 -15.65
N ILE A 75 -2.80 3.48 -16.35
CA ILE A 75 -2.57 3.27 -17.79
C ILE A 75 -3.30 4.37 -18.57
N GLY A 76 -4.56 4.58 -18.24
CA GLY A 76 -5.31 5.59 -18.95
C GLY A 76 -6.71 5.80 -18.45
N ILE A 77 -7.47 6.58 -19.22
CA ILE A 77 -8.78 7.01 -18.86
C ILE A 77 -9.62 7.00 -20.14
N ILE A 78 -10.85 6.50 -20.09
CA ILE A 78 -11.82 6.78 -21.15
C ILE A 78 -12.92 7.63 -20.53
N GLU A 79 -12.92 8.91 -20.88
CA GLU A 79 -13.85 9.89 -20.28
C GLU A 79 -15.30 9.71 -20.70
N GLU A 80 -15.52 9.29 -21.96
CA GLU A 80 -16.90 9.16 -22.46
C GLU A 80 -17.66 8.05 -21.74
N GLU A 81 -18.96 8.26 -21.53
CA GLU A 81 -19.79 7.28 -20.84
C GLU A 81 -19.82 5.96 -21.62
N PRO A 82 -19.59 4.82 -20.94
CA PRO A 82 -19.30 4.70 -19.51
C PRO A 82 -17.84 5.03 -19.21
N THR A 83 -17.63 5.91 -18.26
CA THR A 83 -16.30 6.44 -17.94
C THR A 83 -15.47 5.36 -17.24
N TRP A 84 -14.31 5.03 -17.80
CA TRP A 84 -13.43 4.00 -17.22
C TRP A 84 -12.03 4.51 -16.86
N ILE A 85 -11.57 4.16 -15.66
CA ILE A 85 -10.21 4.45 -15.22
C ILE A 85 -9.45 3.15 -15.31
N ILE A 86 -8.35 3.19 -16.06
CA ILE A 86 -7.66 1.97 -16.43
C ILE A 86 -6.31 1.97 -15.73
N MET A 87 -6.20 1.10 -14.72
CA MET A 87 -5.00 0.98 -13.92
C MET A 87 -4.28 -0.23 -14.42
N GLU A 88 -2.97 -0.26 -14.22
CA GLU A 88 -2.23 -1.47 -14.46
C GLU A 88 -2.65 -2.56 -13.49
N LEU A 89 -2.81 -3.78 -14.02
CA LEU A 89 -3.13 -4.94 -13.20
C LEU A 89 -1.87 -5.76 -12.99
N TYR A 90 -1.66 -6.17 -11.75
CA TYR A 90 -0.51 -6.94 -11.35
C TYR A 90 -1.03 -8.34 -11.00
N PRO A 91 -0.91 -9.30 -11.94
CA PRO A 91 -1.42 -10.68 -11.77
C PRO A 91 -0.98 -11.41 -10.50
N TYR A 92 0.19 -11.08 -9.95
CA TYR A 92 0.63 -11.65 -8.66
C TYR A 92 -0.28 -11.21 -7.49
N GLY A 93 -0.97 -10.09 -7.67
CA GLY A 93 -1.92 -9.57 -6.70
C GLY A 93 -1.26 -8.95 -5.49
N GLU A 94 -2.00 -8.90 -4.39
CA GLU A 94 -1.58 -8.24 -3.16
C GLU A 94 -0.42 -8.94 -2.51
N LEU A 95 0.44 -8.14 -1.89
CA LEU A 95 1.64 -8.68 -1.27
C LEU A 95 1.30 -9.62 -0.09
N GLY A 96 0.24 -9.33 0.65
CA GLY A 96 -0.07 -10.16 1.81
C GLY A 96 -0.32 -11.62 1.41
N HIS A 97 -1.22 -11.78 0.45
CA HIS A 97 -1.55 -13.11 -0.07
C HIS A 97 -0.36 -13.75 -0.79
N TYR A 98 0.41 -12.95 -1.52
CA TYR A 98 1.67 -13.41 -2.16
C TYR A 98 2.64 -14.03 -1.15
N LEU A 99 2.83 -13.31 -0.05
CA LEU A 99 3.68 -13.76 1.04
C LEU A 99 3.16 -15.07 1.63
N GLU A 100 1.85 -15.14 1.84
CA GLU A 100 1.19 -16.33 2.38
C GLU A 100 1.50 -17.56 1.49
N ARG A 101 1.36 -17.36 0.18
CA ARG A 101 1.56 -18.44 -0.81
C ARG A 101 3.00 -18.87 -0.92
N ASN A 102 3.91 -17.99 -0.54
CA ASN A 102 5.33 -18.18 -0.86
C ASN A 102 6.28 -18.24 0.34
N LYS A 103 5.70 -18.39 1.54
CA LYS A 103 6.44 -18.38 2.80
C LYS A 103 7.66 -19.32 2.82
N ASN A 104 7.56 -20.45 2.15
CA ASN A 104 8.63 -21.45 2.21
C ASN A 104 9.82 -21.16 1.30
N SER A 105 9.65 -20.22 0.37
CA SER A 105 10.71 -19.92 -0.60
C SER A 105 11.29 -18.50 -0.54
N LEU A 106 10.70 -17.60 0.26
CA LEU A 106 11.16 -16.20 0.30
C LEU A 106 12.27 -16.01 1.31
N LYS A 107 13.29 -15.23 0.93
CA LYS A 107 14.41 -14.94 1.80
C LYS A 107 14.21 -13.61 2.52
N VAL A 108 14.80 -13.46 3.70
CA VAL A 108 14.69 -12.22 4.50
C VAL A 108 15.18 -11.00 3.73
N LEU A 109 16.28 -11.16 2.98
CA LEU A 109 16.75 -10.09 2.11
C LEU A 109 15.63 -9.48 1.25
N THR A 110 14.81 -10.36 0.68
CA THR A 110 13.71 -9.95 -0.18
C THR A 110 12.62 -9.24 0.63
N LEU A 111 12.37 -9.69 1.85
CA LEU A 111 11.41 -9.02 2.74
C LEU A 111 11.89 -7.59 3.09
N VAL A 112 13.20 -7.42 3.26
CA VAL A 112 13.74 -6.10 3.56
C VAL A 112 13.70 -5.22 2.30
N LEU A 113 13.92 -5.84 1.14
CA LEU A 113 13.82 -5.15 -0.15
C LEU A 113 12.44 -4.52 -0.29
N TYR A 114 11.40 -5.32 -0.08
CA TYR A 114 10.03 -4.83 -0.22
C TYR A 114 9.74 -3.68 0.74
N SER A 115 10.23 -3.81 1.97
CA SER A 115 10.06 -2.77 2.99
C SER A 115 10.68 -1.44 2.52
N LEU A 116 11.92 -1.51 2.03
CA LEU A 116 12.62 -0.35 1.51
C LEU A 116 11.96 0.26 0.27
N GLN A 117 11.47 -0.59 -0.65
CA GLN A 117 10.75 -0.09 -1.82
C GLN A 117 9.54 0.76 -1.42
N ILE A 118 8.73 0.23 -0.50
CA ILE A 118 7.57 0.96 0.04
C ILE A 118 7.98 2.21 0.80
N CYS A 119 9.07 2.12 1.56
CA CYS A 119 9.60 3.28 2.29
C CYS A 119 9.97 4.42 1.34
N LYS A 120 10.60 4.09 0.22
CA LYS A 120 10.93 5.06 -0.82
C LYS A 120 9.68 5.73 -1.42
N ALA A 121 8.64 4.96 -1.70
CA ALA A 121 7.37 5.54 -2.17
C ALA A 121 6.82 6.54 -1.17
N MET A 122 6.82 6.14 0.10
CA MET A 122 6.32 6.96 1.19
C MET A 122 7.16 8.20 1.44
N ALA A 123 8.50 8.07 1.30
CA ALA A 123 9.36 9.25 1.38
C ALA A 123 8.98 10.26 0.27
N TYR A 124 8.64 9.73 -0.91
CA TYR A 124 8.19 10.63 -1.98
C TYR A 124 6.90 11.33 -1.58
N LEU A 125 5.93 10.58 -1.06
CA LEU A 125 4.67 11.21 -0.58
C LEU A 125 4.94 12.22 0.54
N GLU A 126 5.84 11.88 1.46
CA GLU A 126 6.21 12.78 2.55
C GLU A 126 6.78 14.11 2.04
N SER A 127 7.52 14.05 0.92
CA SER A 127 8.17 15.22 0.30
C SER A 127 7.16 16.23 -0.21
N ILE A 128 5.95 15.77 -0.49
CA ILE A 128 4.88 16.67 -0.93
C ILE A 128 3.77 16.79 0.10
N ASN A 129 4.10 16.43 1.35
CA ASN A 129 3.17 16.52 2.50
C ASN A 129 1.85 15.81 2.29
N CYS A 130 1.88 14.69 1.58
CA CYS A 130 0.73 13.83 1.41
C CYS A 130 0.73 12.65 2.38
N VAL A 131 -0.46 12.25 2.81
CA VAL A 131 -0.57 11.13 3.72
C VAL A 131 -1.32 10.00 3.04
N HIS A 132 -0.93 8.77 3.35
CA HIS A 132 -1.60 7.60 2.78
C HIS A 132 -2.84 7.18 3.58
N ARG A 133 -2.70 7.08 4.91
CA ARG A 133 -3.80 6.70 5.86
C ARG A 133 -4.18 5.23 5.95
N ASP A 134 -3.67 4.41 5.03
CA ASP A 134 -4.11 3.03 4.96
C ASP A 134 -2.97 2.08 4.59
N ILE A 135 -1.80 2.30 5.20
CA ILE A 135 -0.62 1.52 4.81
C ILE A 135 -0.72 0.13 5.42
N ALA A 136 -0.78 -0.86 4.54
CA ALA A 136 -1.02 -2.22 4.90
C ALA A 136 -0.65 -3.04 3.67
N VAL A 137 -0.30 -4.29 3.91
CA VAL A 137 0.18 -5.18 2.87
C VAL A 137 -0.92 -5.49 1.82
N ARG A 138 -2.20 -5.32 2.19
CA ARG A 138 -3.33 -5.45 1.23
C ARG A 138 -3.33 -4.33 0.17
N ASN A 139 -2.69 -3.19 0.48
CA ASN A 139 -2.57 -2.05 -0.45
C ASN A 139 -1.27 -2.04 -1.24
N ILE A 140 -0.52 -3.14 -1.18
CA ILE A 140 0.72 -3.25 -1.92
C ILE A 140 0.59 -4.41 -2.88
N LEU A 141 0.97 -4.18 -4.14
CA LEU A 141 0.85 -5.22 -5.17
C LEU A 141 2.20 -5.62 -5.69
N VAL A 142 2.32 -6.90 -6.04
CA VAL A 142 3.58 -7.47 -6.51
C VAL A 142 3.60 -7.36 -8.06
N ALA A 143 4.45 -6.49 -8.57
CA ALA A 143 4.67 -6.35 -10.01
C ALA A 143 5.49 -7.55 -10.51
N SER A 144 6.47 -7.93 -9.70
CA SER A 144 7.34 -9.09 -9.98
C SER A 144 7.99 -9.50 -8.65
N PRO A 145 8.67 -10.66 -8.61
CA PRO A 145 9.39 -11.00 -7.37
C PRO A 145 10.36 -9.91 -6.91
N GLU A 146 10.80 -9.06 -7.83
CA GLU A 146 11.81 -8.02 -7.53
C GLU A 146 11.22 -6.63 -7.30
N CYS A 147 9.90 -6.50 -7.37
CA CYS A 147 9.27 -5.18 -7.39
C CYS A 147 7.87 -5.16 -6.82
N VAL A 148 7.69 -4.37 -5.77
CA VAL A 148 6.34 -4.10 -5.24
C VAL A 148 5.95 -2.66 -5.50
N LYS A 149 4.65 -2.40 -5.52
CA LYS A 149 4.07 -1.10 -5.83
C LYS A 149 3.01 -0.76 -4.80
N LEU A 150 3.09 0.44 -4.24
CA LEU A 150 2.11 0.90 -3.26
C LEU A 150 0.90 1.46 -3.97
N GLY A 151 -0.29 1.06 -3.50
CA GLY A 151 -1.53 1.62 -3.98
C GLY A 151 -2.34 2.19 -2.84
N ASP A 152 -3.53 2.70 -3.16
CA ASP A 152 -4.48 3.19 -2.16
C ASP A 152 -5.88 2.96 -2.76
N PHE A 153 -6.42 1.77 -2.51
CA PHE A 153 -7.62 1.31 -3.19
C PHE A 153 -8.59 0.55 -2.27
N GLY A 154 -8.41 0.70 -0.97
CA GLY A 154 -9.33 0.13 0.02
C GLY A 154 -10.59 0.97 0.04
N LEU A 155 -11.68 0.43 0.59
CA LEU A 155 -12.98 1.07 0.38
C LEU A 155 -13.23 2.31 1.22
N SER A 156 -12.29 2.61 2.12
CA SER A 156 -12.24 3.91 2.79
C SER A 156 -11.27 4.80 2.01
N ARG A 157 -11.60 6.09 1.88
CA ARG A 157 -10.68 7.03 1.22
C ARG A 157 -11.04 8.51 1.38
N ASP A 161 -3.22 13.50 -2.66
CA ASP A 161 -4.64 13.77 -2.46
C ASP A 161 -5.10 13.84 -0.98
N GLU A 162 -4.54 13.02 -0.07
CA GLU A 162 -4.89 13.21 1.35
C GLU A 162 -3.86 14.13 2.05
N LEU A 172 -12.44 1.37 9.88
CA LEU A 172 -11.07 1.88 9.94
C LEU A 172 -10.08 0.78 10.31
N PRO A 173 -8.85 0.85 9.80
CA PRO A 173 -7.88 -0.20 10.13
C PRO A 173 -7.23 -0.02 11.50
N ILE A 174 -8.02 -0.19 12.55
CA ILE A 174 -7.60 0.05 13.96
C ILE A 174 -6.27 -0.59 14.32
N LYS A 175 -6.08 -1.85 13.92
CA LYS A 175 -4.86 -2.58 14.29
C LYS A 175 -3.57 -2.10 13.59
N TRP A 176 -3.72 -1.19 12.63
CA TRP A 176 -2.60 -0.55 11.92
C TRP A 176 -2.33 0.89 12.33
N MET A 177 -3.34 1.51 12.96
CA MET A 177 -3.35 2.93 13.27
C MET A 177 -2.55 3.35 14.50
N SER A 178 -1.95 4.54 14.40
CA SER A 178 -1.30 5.21 15.52
C SER A 178 -2.30 5.56 16.62
N PRO A 179 -1.81 5.73 17.85
CA PRO A 179 -2.69 6.11 18.96
C PRO A 179 -3.46 7.41 18.69
N GLU A 180 -2.82 8.41 18.07
CA GLU A 180 -3.50 9.68 17.78
C GLU A 180 -4.57 9.52 16.69
N SER A 181 -4.37 8.56 15.79
CA SER A 181 -5.37 8.25 14.76
C SER A 181 -6.55 7.52 15.42
N ILE A 182 -6.25 6.56 16.29
CA ILE A 182 -7.34 5.89 17.03
C ILE A 182 -8.12 6.85 17.96
N ASN A 183 -7.38 7.62 18.75
CA ASN A 183 -8.00 8.51 19.73
C ASN A 183 -8.70 9.72 19.12
N PHE A 184 -8.06 10.35 18.13
CA PHE A 184 -8.50 11.64 17.63
C PHE A 184 -8.82 11.70 16.12
N ARG A 185 -8.68 10.56 15.43
CA ARG A 185 -8.69 10.53 13.97
C ARG A 185 -7.73 11.55 13.36
N ARG A 186 -6.60 11.77 14.04
CA ARG A 186 -5.51 12.60 13.50
C ARG A 186 -4.61 11.73 12.61
N PHE A 187 -4.36 12.17 11.38
CA PHE A 187 -3.50 11.42 10.42
C PHE A 187 -2.49 12.37 9.80
N THR A 188 -1.21 12.18 10.12
CA THR A 188 -0.13 13.02 9.59
C THR A 188 0.87 12.09 8.92
N THR A 189 1.97 12.63 8.40
CA THR A 189 3.01 11.76 7.88
C THR A 189 3.55 10.88 9.02
N ALA A 190 3.61 11.44 10.24
CA ALA A 190 4.13 10.72 11.42
C ALA A 190 3.24 9.52 11.76
N SER A 191 1.92 9.68 11.65
CA SER A 191 1.04 8.54 11.82
C SER A 191 1.21 7.52 10.65
N ASP A 192 1.54 7.97 9.44
CA ASP A 192 1.85 7.01 8.36
C ASP A 192 3.12 6.21 8.69
N VAL A 193 4.10 6.86 9.30
CA VAL A 193 5.31 6.14 9.73
C VAL A 193 4.94 4.98 10.68
N TRP A 194 4.10 5.24 11.67
CA TRP A 194 3.59 4.17 12.55
C TRP A 194 2.95 3.04 11.72
N MET A 195 2.03 3.41 10.82
CA MET A 195 1.34 2.41 10.00
C MET A 195 2.33 1.63 9.13
N PHE A 196 3.30 2.33 8.58
CA PHE A 196 4.33 1.65 7.76
C PHE A 196 5.11 0.58 8.50
N ALA A 197 5.45 0.83 9.77
CA ALA A 197 6.12 -0.19 10.59
C ALA A 197 5.21 -1.38 10.86
N VAL A 198 3.91 -1.14 11.06
CA VAL A 198 2.96 -2.25 11.08
C VAL A 198 2.99 -3.02 9.76
N CYS A 199 3.05 -2.31 8.64
CA CYS A 199 3.14 -2.96 7.32
C CYS A 199 4.41 -3.82 7.25
N MET A 200 5.55 -3.28 7.68
CA MET A 200 6.79 -4.08 7.79
C MET A 200 6.64 -5.32 8.67
N TRP A 201 5.98 -5.18 9.82
CA TRP A 201 5.69 -6.37 10.65
C TRP A 201 4.93 -7.43 9.85
N GLU A 202 3.97 -7.00 9.03
CA GLU A 202 3.18 -7.92 8.19
C GLU A 202 4.08 -8.62 7.19
N ILE A 203 4.94 -7.84 6.54
CA ILE A 203 5.91 -8.38 5.58
C ILE A 203 6.79 -9.43 6.25
N LEU A 204 7.39 -9.06 7.38
CA LEU A 204 8.35 -9.96 8.04
C LEU A 204 7.68 -11.17 8.69
N SER A 205 6.36 -11.10 8.86
CA SER A 205 5.53 -12.18 9.39
C SER A 205 4.85 -12.98 8.27
N PHE A 206 5.29 -12.78 7.03
CA PHE A 206 4.69 -13.44 5.85
C PHE A 206 3.16 -13.28 5.70
N GLY A 207 2.63 -12.13 6.08
CA GLY A 207 1.24 -11.83 5.88
C GLY A 207 0.30 -11.95 7.06
N LYS A 208 0.82 -12.30 8.24
CA LYS A 208 0.02 -12.37 9.45
C LYS A 208 -0.64 -11.00 9.65
N GLN A 209 -1.82 -11.01 10.27
CA GLN A 209 -2.53 -9.81 10.58
C GLN A 209 -2.04 -9.29 11.94
N PRO A 210 -1.74 -7.97 12.03
CA PRO A 210 -1.19 -7.46 13.30
C PRO A 210 -2.27 -7.56 14.35
N PHE A 211 -1.88 -7.88 15.58
CA PHE A 211 -2.85 -8.02 16.67
C PHE A 211 -4.03 -8.95 16.32
N PHE A 212 -3.77 -10.04 15.61
CA PHE A 212 -4.85 -11.01 15.29
C PHE A 212 -5.47 -11.67 16.52
N TRP A 213 -4.77 -11.57 17.64
CA TRP A 213 -5.18 -12.14 18.94
C TRP A 213 -6.04 -11.16 19.75
N LEU A 214 -6.25 -9.96 19.22
CA LEU A 214 -7.14 -8.99 19.85
C LEU A 214 -8.36 -8.66 18.98
N GLU A 215 -9.39 -8.09 19.62
CA GLU A 215 -10.45 -7.35 18.91
C GLU A 215 -10.02 -5.88 18.77
N ASN A 216 -10.54 -5.18 17.77
CA ASN A 216 -10.22 -3.77 17.56
C ASN A 216 -10.32 -2.91 18.81
N LYS A 217 -11.35 -3.18 19.61
CA LYS A 217 -11.63 -2.37 20.79
C LYS A 217 -10.53 -2.47 21.86
N ASP A 218 -9.75 -3.55 21.85
CA ASP A 218 -8.69 -3.81 22.85
C ASP A 218 -7.38 -3.15 22.48
N VAL A 219 -7.23 -2.75 21.21
CA VAL A 219 -5.94 -2.30 20.69
C VAL A 219 -5.39 -1.06 21.42
N ILE A 220 -6.16 0.01 21.49
CA ILE A 220 -5.68 1.22 22.17
C ILE A 220 -5.19 1.00 23.60
N GLY A 221 -5.93 0.19 24.36
CA GLY A 221 -5.62 -0.14 25.75
C GLY A 221 -4.21 -0.67 25.84
N VAL A 222 -3.91 -1.60 24.94
CA VAL A 222 -2.64 -2.31 24.86
C VAL A 222 -1.52 -1.31 24.56
N LEU A 223 -1.75 -0.45 23.56
CA LEU A 223 -0.75 0.57 23.14
C LEU A 223 -0.48 1.58 24.23
N GLU A 224 -1.55 2.06 24.86
CA GLU A 224 -1.40 3.02 25.96
C GLU A 224 -0.53 2.52 27.13
N LYS A 225 -0.59 1.21 27.37
CA LYS A 225 0.09 0.58 28.49
C LYS A 225 1.54 0.21 28.11
N GLY A 226 1.92 0.48 26.87
CA GLY A 226 3.27 0.22 26.43
C GLY A 226 3.51 -1.09 25.68
N ASP A 227 2.47 -1.87 25.42
CA ASP A 227 2.69 -3.11 24.67
C ASP A 227 2.82 -2.85 23.18
N ARG A 228 3.59 -3.71 22.52
CA ARG A 228 3.77 -3.58 21.08
C ARG A 228 3.73 -4.95 20.41
N LEU A 229 3.63 -4.94 19.08
CA LEU A 229 3.75 -6.15 18.27
C LEU A 229 5.10 -6.79 18.56
N PRO A 230 5.11 -8.12 18.78
CA PRO A 230 6.39 -8.81 19.08
C PRO A 230 7.24 -8.96 17.81
N LYS A 231 8.56 -9.07 17.94
CA LYS A 231 9.40 -9.22 16.75
C LYS A 231 9.03 -10.51 16.01
N PRO A 232 8.75 -10.43 14.70
CA PRO A 232 8.56 -11.68 13.94
C PRO A 232 9.83 -12.53 13.95
N ASP A 233 9.66 -13.84 13.91
CA ASP A 233 10.78 -14.78 13.99
C ASP A 233 11.95 -14.40 13.06
N LEU A 234 11.63 -14.05 11.82
CA LEU A 234 12.65 -13.83 10.80
C LEU A 234 13.15 -12.39 10.75
N CYS A 235 12.53 -11.51 11.52
CA CYS A 235 12.90 -10.12 11.50
C CYS A 235 14.29 -9.91 12.13
N PRO A 236 15.21 -9.30 11.38
CA PRO A 236 16.48 -8.89 12.02
C PRO A 236 16.24 -7.98 13.23
N PRO A 237 17.00 -8.19 14.33
CA PRO A 237 16.90 -7.36 15.53
C PRO A 237 16.97 -5.85 15.27
N VAL A 238 17.89 -5.45 14.39
CA VAL A 238 18.09 -4.03 14.08
C VAL A 238 16.86 -3.48 13.37
N LEU A 239 16.24 -4.32 12.52
CA LEU A 239 14.96 -3.93 11.90
C LEU A 239 13.81 -3.82 12.91
N TYR A 240 13.76 -4.72 13.89
CA TYR A 240 12.75 -4.60 14.94
C TYR A 240 12.91 -3.31 15.72
N THR A 241 14.15 -2.98 16.04
CA THR A 241 14.46 -1.68 16.67
C THR A 241 13.90 -0.48 15.88
N LEU A 242 14.17 -0.44 14.58
CA LEU A 242 13.56 0.61 13.75
C LEU A 242 12.03 0.63 13.81
N MET A 243 11.43 -0.56 13.68
CA MET A 243 9.98 -0.71 13.86
C MET A 243 9.54 -0.07 15.18
N THR A 244 10.19 -0.45 16.30
CA THR A 244 9.79 0.14 17.61
C THR A 244 9.95 1.67 17.68
N ARG A 245 10.92 2.23 16.97
CA ARG A 245 11.01 3.71 16.87
C ARG A 245 9.84 4.35 16.14
N CYS A 246 9.37 3.68 15.09
CA CYS A 246 8.18 4.11 14.34
C CYS A 246 6.93 3.97 15.18
N TRP A 247 7.00 3.13 16.21
CA TRP A 247 5.89 2.96 17.13
C TRP A 247 6.04 3.77 18.42
N ASP A 248 6.89 4.80 18.41
CA ASP A 248 6.91 5.70 19.57
C ASP A 248 5.52 6.33 19.73
N TYR A 249 5.03 6.36 20.96
CA TYR A 249 3.75 7.00 21.24
C TYR A 249 3.75 8.45 20.74
N ASP A 250 4.89 9.11 20.92
CA ASP A 250 4.99 10.53 20.58
C ASP A 250 5.34 10.66 19.10
N PRO A 251 4.41 11.23 18.29
CA PRO A 251 4.64 11.32 16.83
C PRO A 251 5.97 12.01 16.47
N SER A 252 6.38 12.98 17.31
CA SER A 252 7.66 13.70 17.12
C SER A 252 8.92 12.84 17.27
N ASP A 253 8.79 11.69 17.93
CA ASP A 253 9.96 10.84 18.15
C ASP A 253 10.13 9.76 17.09
N ARG A 254 9.15 9.62 16.20
CA ARG A 254 9.23 8.67 15.08
C ARG A 254 10.13 9.26 13.97
N PRO A 255 10.86 8.40 13.24
CA PRO A 255 11.68 8.97 12.18
C PRO A 255 10.82 9.50 11.01
N ARG A 256 11.37 10.42 10.22
CA ARG A 256 10.77 10.78 8.92
C ARG A 256 11.00 9.64 7.95
N PHE A 257 10.05 9.41 7.04
CA PHE A 257 10.31 8.43 5.96
C PHE A 257 11.62 8.68 5.23
N THR A 258 11.96 9.95 5.02
CA THR A 258 13.18 10.34 4.28
C THR A 258 14.43 9.76 4.91
N GLU A 259 14.49 9.82 6.23
CA GLU A 259 15.61 9.28 7.04
C GLU A 259 15.48 7.77 7.23
N LEU A 260 14.25 7.28 7.37
CA LEU A 260 14.01 5.84 7.42
C LEU A 260 14.58 5.10 6.19
N VAL A 261 14.56 5.76 5.03
CA VAL A 261 15.12 5.16 3.79
C VAL A 261 16.59 4.81 4.04
N CYS A 262 17.31 5.74 4.63
CA CYS A 262 18.72 5.58 4.96
C CYS A 262 18.94 4.44 5.95
N SER A 263 18.12 4.39 7.00
CA SER A 263 18.18 3.34 8.03
C SER A 263 17.89 1.97 7.41
N LEU A 264 16.83 1.90 6.61
CA LEU A 264 16.47 0.64 5.92
C LEU A 264 17.50 0.19 4.89
N SER A 265 18.07 1.14 4.16
CA SER A 265 19.14 0.81 3.21
C SER A 265 20.34 0.19 3.92
N ASP A 266 20.67 0.69 5.09
CA ASP A 266 21.72 0.10 5.96
C ASP A 266 21.39 -1.36 6.36
N VAL A 267 20.16 -1.61 6.86
CA VAL A 267 19.68 -2.97 7.12
C VAL A 267 19.75 -3.87 5.88
N TYR A 268 19.34 -3.35 4.73
CA TYR A 268 19.42 -4.12 3.48
C TYR A 268 20.88 -4.54 3.20
N GLN A 269 21.81 -3.60 3.29
CA GLN A 269 23.20 -3.91 2.98
C GLN A 269 23.84 -4.86 4.00
N MET A 270 23.50 -4.70 5.29
CA MET A 270 23.90 -5.65 6.33
C MET A 270 23.37 -7.05 6.03
N GLU A 271 22.10 -7.14 5.65
CA GLU A 271 21.50 -8.39 5.24
C GLU A 271 22.08 -8.97 3.95
N LYS A 272 22.37 -8.10 2.99
CA LYS A 272 23.00 -8.54 1.73
C LYS A 272 24.43 -9.06 1.96
N ASP A 273 25.18 -8.38 2.82
CA ASP A 273 26.54 -8.81 3.18
C ASP A 273 26.59 -10.21 3.77
N ILE A 274 25.70 -10.49 4.73
CA ILE A 274 25.66 -11.78 5.42
C ILE A 274 25.18 -12.91 4.49
N ALA A 275 24.27 -12.59 3.58
CA ALA A 275 23.84 -13.52 2.52
C ALA A 275 24.98 -13.84 1.53
#